data_7XC3
#
_entry.id   7XC3
#
_cell.length_a   59.924
_cell.length_b   59.924
_cell.length_c   184.342
_cell.angle_alpha   90.000
_cell.angle_beta   90.000
_cell.angle_gamma   90.000
#
_symmetry.space_group_name_H-M   'P 41 21 2'
#
loop_
_entity.id
_entity.type
_entity.pdbx_description
1 polymer 'Papain-like protease nsp3'
2 water water
#
_entity_poly.entity_id   1
_entity_poly.type   'polypeptide(L)'
_entity_poly.pdbx_seq_one_letter_code
;FQHMGTVSWNLREMLAHAEETRKLMPVCVETKAIVSTIQRKYKGIKIQEGVVDYGARFYFYTSKTTVASLINTLNDLNET
LVTMPLGYVTHGLNLEEAARYMRSLKVPATVSVSSPDAVTAYNGYLT
;
_entity_poly.pdbx_strand_id   A,B
#
# COMPACT_ATOMS: atom_id res chain seq x y z
N PHE A 1 9.13 -15.59 2.06
CA PHE A 1 9.65 -14.50 1.24
C PHE A 1 11.12 -14.69 0.88
N GLN A 2 11.45 -15.80 0.20
CA GLN A 2 12.84 -16.06 -0.13
C GLN A 2 13.40 -15.05 -1.14
N HIS A 3 12.53 -14.36 -1.89
CA HIS A 3 12.99 -13.39 -2.88
C HIS A 3 13.30 -12.02 -2.29
N MET A 4 13.09 -11.80 -1.01
CA MET A 4 13.47 -10.54 -0.36
C MET A 4 14.40 -10.80 0.81
N GLY A 5 15.41 -9.94 0.94
CA GLY A 5 16.33 -10.01 2.04
C GLY A 5 16.64 -8.62 2.54
N THR A 6 17.03 -8.54 3.81
CA THR A 6 17.15 -7.27 4.50
C THR A 6 18.60 -7.04 4.92
N VAL A 7 19.10 -5.83 4.64
CA VAL A 7 20.43 -5.38 4.99
C VAL A 7 20.34 -4.00 5.63
N SER A 8 21.47 -3.52 6.14
CA SER A 8 21.59 -2.14 6.59
C SER A 8 22.71 -1.48 5.79
N TRP A 9 22.35 -0.88 4.66
CA TRP A 9 23.28 -0.15 3.80
C TRP A 9 22.91 1.34 3.79
N ASN A 10 23.90 2.21 3.97
CA ASN A 10 23.60 3.62 3.83
C ASN A 10 23.38 3.96 2.35
N LEU A 11 23.00 5.22 2.10
CA LEU A 11 22.62 5.60 0.75
C LEU A 11 23.77 5.43 -0.23
N ARG A 12 24.99 5.81 0.18
CA ARG A 12 26.15 5.63 -0.69
C ARG A 12 26.37 4.17 -1.05
N GLU A 13 26.20 3.27 -0.09
CA GLU A 13 26.34 1.85 -0.38
C GLU A 13 25.23 1.37 -1.30
N MET A 14 24.00 1.84 -1.07
CA MET A 14 22.89 1.49 -1.95
C MET A 14 23.16 1.95 -3.38
N LEU A 15 23.63 3.18 -3.55
CA LEU A 15 23.89 3.71 -4.89
C LEU A 15 25.02 2.94 -5.57
N ALA A 16 26.06 2.57 -4.82
CA ALA A 16 27.16 1.83 -5.43
C ALA A 16 26.69 0.47 -5.90
N HIS A 17 25.89 -0.22 -5.08
CA HIS A 17 25.34 -1.50 -5.50
C HIS A 17 24.44 -1.33 -6.71
N ALA A 18 23.59 -0.30 -6.71
CA ALA A 18 22.70 -0.09 -7.84
C ALA A 18 23.48 0.22 -9.11
N GLU A 19 24.52 1.05 -9.00
CA GLU A 19 25.32 1.39 -10.17
C GLU A 19 25.93 0.15 -10.82
N GLU A 20 26.44 -0.79 -10.02
CA GLU A 20 27.09 -1.94 -10.61
C GLU A 20 26.08 -2.95 -11.16
N THR A 21 25.00 -3.23 -10.42
CA THR A 21 24.11 -4.32 -10.75
C THR A 21 23.01 -3.91 -11.73
N ARG A 22 22.71 -2.62 -11.83
CA ARG A 22 21.60 -2.06 -12.59
C ARG A 22 20.25 -2.45 -12.02
N LYS A 23 20.22 -2.93 -10.77
CA LYS A 23 18.95 -3.13 -10.09
C LYS A 23 18.20 -1.81 -9.99
N LEU A 24 16.87 -1.89 -10.02
CA LEU A 24 16.05 -0.70 -9.96
C LEU A 24 15.97 -0.17 -8.52
N MET A 25 16.21 1.12 -8.35
CA MET A 25 16.19 1.69 -7.01
C MET A 25 15.10 2.75 -6.90
N PRO A 26 14.00 2.44 -6.21
CA PRO A 26 12.98 3.46 -5.95
C PRO A 26 13.53 4.60 -5.12
N VAL A 27 13.15 5.83 -5.49
CA VAL A 27 13.55 7.01 -4.74
C VAL A 27 12.34 7.94 -4.59
N CYS A 28 12.04 8.34 -3.37
CA CYS A 28 10.98 9.31 -3.14
C CYS A 28 11.51 10.72 -3.37
N VAL A 29 10.92 11.44 -4.34
CA VAL A 29 11.47 12.74 -4.70
C VAL A 29 11.21 13.79 -3.62
N GLU A 30 10.30 13.52 -2.67
CA GLU A 30 10.11 14.44 -1.56
C GLU A 30 11.21 14.35 -0.50
N THR A 31 12.05 13.32 -0.55
CA THR A 31 13.09 13.15 0.46
C THR A 31 14.31 13.93 -0.01
N LYS A 32 14.39 15.19 0.44
CA LYS A 32 15.32 16.14 -0.15
C LYS A 32 16.77 15.69 0.01
N ALA A 33 17.11 15.11 1.17
CA ALA A 33 18.50 14.70 1.39
C ALA A 33 18.93 13.65 0.37
N ILE A 34 18.03 12.73 0.03
CA ILE A 34 18.37 11.67 -0.92
C ILE A 34 18.51 12.25 -2.33
N VAL A 35 17.56 13.10 -2.72
CA VAL A 35 17.60 13.70 -4.05
C VAL A 35 18.88 14.50 -4.23
N SER A 36 19.28 15.26 -3.21
CA SER A 36 20.50 16.07 -3.31
C SER A 36 21.74 15.19 -3.46
N THR A 37 21.82 14.11 -2.68
CA THR A 37 22.94 13.19 -2.85
C THR A 37 22.97 12.62 -4.25
N ILE A 38 21.82 12.27 -4.79
CA ILE A 38 21.80 11.70 -6.14
C ILE A 38 22.23 12.73 -7.15
N GLN A 39 21.78 13.98 -7.00
CA GLN A 39 22.15 15.04 -7.92
C GLN A 39 23.64 15.34 -7.86
N ARG A 40 24.27 15.08 -6.71
CA ARG A 40 25.70 15.32 -6.54
C ARG A 40 26.55 14.15 -7.04
N LYS A 41 26.10 12.91 -6.84
CA LYS A 41 26.86 11.78 -7.37
C LYS A 41 26.71 11.66 -8.88
N TYR A 42 25.56 12.02 -9.42
CA TYR A 42 25.25 11.85 -10.83
C TYR A 42 24.88 13.21 -11.42
N LYS A 43 25.87 14.09 -11.51
CA LYS A 43 25.62 15.44 -12.00
C LYS A 43 25.01 15.42 -13.39
N GLY A 44 24.01 16.26 -13.61
CA GLY A 44 23.32 16.34 -14.86
C GLY A 44 22.07 15.49 -14.95
N ILE A 45 21.76 14.69 -13.93
CA ILE A 45 20.59 13.83 -13.98
C ILE A 45 19.33 14.67 -14.14
N LYS A 46 18.38 14.18 -14.94
CA LYS A 46 17.08 14.82 -15.06
C LYS A 46 16.11 13.96 -14.25
N ILE A 47 15.76 14.44 -13.07
CA ILE A 47 14.87 13.71 -12.19
C ILE A 47 13.43 13.96 -12.65
N GLN A 48 12.72 12.89 -12.96
CA GLN A 48 11.30 12.97 -13.30
C GLN A 48 10.66 11.68 -12.83
N GLU A 49 9.35 11.71 -12.67
CA GLU A 49 8.67 10.54 -12.13
C GLU A 49 8.79 9.36 -13.09
N GLY A 50 8.91 8.17 -12.52
CA GLY A 50 9.10 6.96 -13.30
C GLY A 50 10.55 6.52 -13.40
N VAL A 51 10.81 5.66 -14.38
CA VAL A 51 12.14 5.11 -14.57
C VAL A 51 13.06 6.18 -15.13
N VAL A 52 14.22 6.36 -14.50
CA VAL A 52 15.27 7.22 -15.01
C VAL A 52 16.57 6.45 -14.91
N ASP A 53 17.20 6.16 -16.05
CA ASP A 53 18.42 5.36 -16.10
C ASP A 53 19.58 6.31 -16.40
N TYR A 54 20.26 6.76 -15.35
CA TYR A 54 21.31 7.76 -15.48
C TYR A 54 22.22 7.60 -14.27
N GLY A 55 23.40 7.02 -14.47
CA GLY A 55 24.27 6.76 -13.35
C GLY A 55 23.88 5.46 -12.67
N ALA A 56 22.71 5.46 -12.06
CA ALA A 56 22.05 4.23 -11.68
C ALA A 56 20.66 4.20 -12.31
N ARG A 57 19.96 3.10 -12.12
CA ARG A 57 18.62 2.93 -12.66
C ARG A 57 17.62 3.21 -11.54
N PHE A 58 16.93 4.34 -11.62
CA PHE A 58 16.04 4.81 -10.56
C PHE A 58 14.57 4.67 -10.96
N TYR A 59 13.72 4.50 -9.94
CA TYR A 59 12.29 4.70 -10.12
C TYR A 59 11.90 5.85 -9.19
N PHE A 60 11.70 7.05 -9.75
CA PHE A 60 11.36 8.21 -8.96
C PHE A 60 9.85 8.27 -8.75
N TYR A 61 9.43 8.44 -7.50
CA TYR A 61 8.00 8.53 -7.20
C TYR A 61 7.75 9.67 -6.22
N THR A 62 6.51 10.14 -6.23
CA THR A 62 6.02 11.08 -5.24
C THR A 62 5.23 10.34 -4.17
N SER A 63 5.24 10.87 -2.94
CA SER A 63 4.43 10.29 -1.90
C SER A 63 2.94 10.54 -2.09
N LYS A 64 2.55 11.27 -3.15
CA LYS A 64 1.14 11.30 -3.54
C LYS A 64 0.71 9.99 -4.19
N THR A 65 1.66 9.18 -4.67
CA THR A 65 1.38 7.82 -5.08
C THR A 65 1.33 6.93 -3.84
N THR A 66 0.22 6.23 -3.64
CA THR A 66 0.06 5.44 -2.43
C THR A 66 1.00 4.23 -2.50
N VAL A 67 1.37 3.71 -1.32
CA VAL A 67 2.41 2.67 -1.27
C VAL A 67 2.00 1.46 -2.08
N ALA A 68 0.76 1.01 -1.92
CA ALA A 68 0.33 -0.18 -2.66
C ALA A 68 0.33 0.07 -4.17
N SER A 69 0.02 1.30 -4.59
CA SER A 69 0.08 1.60 -6.01
C SER A 69 1.51 1.55 -6.52
N LEU A 70 2.44 2.12 -5.78
CA LEU A 70 3.86 2.02 -6.13
C LEU A 70 4.29 0.56 -6.26
N ILE A 71 3.90 -0.28 -5.30
CA ILE A 71 4.29 -1.68 -5.34
C ILE A 71 3.64 -2.39 -6.53
N ASN A 72 2.38 -2.07 -6.83
CA ASN A 72 1.77 -2.63 -8.02
C ASN A 72 2.60 -2.31 -9.26
N THR A 73 3.05 -1.04 -9.36
CA THR A 73 3.82 -0.60 -10.51
C THR A 73 5.17 -1.31 -10.57
N LEU A 74 5.85 -1.43 -9.42
CA LEU A 74 7.15 -2.10 -9.40
C LEU A 74 7.01 -3.57 -9.75
N ASN A 75 5.94 -4.22 -9.28
CA ASN A 75 5.73 -5.62 -9.66
C ASN A 75 5.54 -5.74 -11.17
N ASP A 76 4.82 -4.81 -11.77
CA ASP A 76 4.60 -4.87 -13.22
C ASP A 76 5.89 -4.63 -13.99
N LEU A 77 6.76 -3.76 -13.47
CA LEU A 77 8.04 -3.53 -14.13
C LEU A 77 8.91 -4.79 -14.14
N ASN A 78 8.76 -5.65 -13.13
CA ASN A 78 9.43 -6.95 -13.08
C ASN A 78 10.95 -6.82 -13.01
N GLU A 79 11.45 -5.76 -12.40
CA GLU A 79 12.88 -5.63 -12.18
C GLU A 79 13.24 -5.92 -10.73
N THR A 80 14.43 -6.48 -10.53
CA THR A 80 14.97 -6.70 -9.20
C THR A 80 15.30 -5.37 -8.54
N LEU A 81 14.99 -5.23 -7.26
CA LEU A 81 15.11 -3.94 -6.57
C LEU A 81 16.24 -3.90 -5.56
N VAL A 82 16.75 -2.69 -5.34
CA VAL A 82 17.43 -2.33 -4.10
C VAL A 82 16.70 -1.12 -3.55
N THR A 83 16.12 -1.24 -2.36
CA THR A 83 15.10 -0.30 -1.95
C THR A 83 15.09 -0.12 -0.44
N MET A 84 14.70 1.05 0.01
CA MET A 84 14.32 1.26 1.40
C MET A 84 12.91 0.72 1.61
N PRO A 85 12.48 0.54 2.87
CA PRO A 85 11.10 0.08 3.11
C PRO A 85 10.11 1.13 2.63
N LEU A 86 9.25 0.73 1.70
CA LEU A 86 8.39 1.71 1.04
C LEU A 86 7.30 2.20 1.97
N GLY A 87 7.12 3.53 1.99
CA GLY A 87 6.12 4.17 2.84
C GLY A 87 6.65 4.61 4.18
N TYR A 88 7.74 4.01 4.66
CA TYR A 88 8.33 4.39 5.94
C TYR A 88 8.74 5.85 5.92
N VAL A 89 8.18 6.63 6.87
CA VAL A 89 8.31 8.09 6.99
C VAL A 89 7.68 8.86 5.84
N THR A 90 8.04 8.50 4.59
CA THR A 90 7.58 9.27 3.42
C THR A 90 6.06 9.36 3.36
N HIS A 91 5.38 8.29 3.75
CA HIS A 91 3.92 8.22 3.76
C HIS A 91 3.38 8.21 5.20
N GLY A 92 4.19 8.65 6.15
CA GLY A 92 3.78 8.65 7.54
C GLY A 92 3.65 7.29 8.18
N LEU A 93 4.20 6.25 7.55
CA LEU A 93 4.14 4.90 8.10
C LEU A 93 5.32 4.66 9.01
N ASN A 94 5.08 3.88 10.06
CA ASN A 94 6.19 3.34 10.85
C ASN A 94 6.77 2.14 10.12
N LEU A 95 7.78 1.51 10.73
CA LEU A 95 8.50 0.43 10.05
C LEU A 95 7.62 -0.81 9.91
N GLU A 96 6.78 -1.08 10.90
CA GLU A 96 5.91 -2.26 10.86
C GLU A 96 4.88 -2.17 9.74
N GLU A 97 4.25 -1.00 9.56
CA GLU A 97 3.27 -0.87 8.49
C GLU A 97 3.93 -0.82 7.11
N ALA A 98 5.14 -0.25 7.02
CA ALA A 98 5.87 -0.34 5.76
C ALA A 98 6.14 -1.80 5.42
N ALA A 99 6.60 -2.58 6.39
CA ALA A 99 6.85 -4.00 6.16
C ALA A 99 5.58 -4.72 5.73
N ARG A 100 4.44 -4.35 6.31
CA ARG A 100 3.19 -4.97 5.92
C ARG A 100 2.95 -4.80 4.42
N TYR A 101 3.17 -3.59 3.89
CA TYR A 101 3.03 -3.37 2.46
C TYR A 101 4.08 -4.14 1.65
N MET A 102 5.32 -4.18 2.13
CA MET A 102 6.39 -4.88 1.39
C MET A 102 6.10 -6.36 1.18
N ARG A 103 5.23 -6.95 1.99
CA ARG A 103 4.80 -8.32 1.75
C ARG A 103 4.19 -8.51 0.38
N SER A 104 3.71 -7.43 -0.25
CA SER A 104 3.10 -7.51 -1.57
C SER A 104 4.09 -7.49 -2.72
N LEU A 105 5.37 -7.24 -2.46
CA LEU A 105 6.34 -7.27 -3.55
C LEU A 105 6.53 -8.68 -4.06
N LYS A 106 6.45 -8.84 -5.38
CA LYS A 106 6.66 -10.13 -6.02
C LYS A 106 8.01 -10.22 -6.73
N VAL A 107 8.66 -9.08 -6.97
CA VAL A 107 9.96 -9.03 -7.62
C VAL A 107 11.05 -9.25 -6.57
N PRO A 108 12.21 -9.76 -6.94
CA PRO A 108 13.29 -9.89 -5.95
C PRO A 108 13.71 -8.51 -5.45
N ALA A 109 14.07 -8.44 -4.16
CA ALA A 109 14.44 -7.15 -3.60
C ALA A 109 15.44 -7.30 -2.47
N THR A 110 16.38 -6.37 -2.42
CA THR A 110 17.22 -6.16 -1.23
C THR A 110 16.67 -4.93 -0.55
N VAL A 111 16.23 -5.09 0.70
CA VAL A 111 15.62 -4.01 1.46
C VAL A 111 16.64 -3.50 2.45
N SER A 112 16.95 -2.21 2.38
CA SER A 112 17.96 -1.60 3.23
C SER A 112 17.29 -0.74 4.28
N VAL A 113 17.59 -1.04 5.55
CA VAL A 113 17.04 -0.29 6.67
C VAL A 113 18.17 0.46 7.38
N SER A 114 17.78 1.31 8.33
CA SER A 114 18.65 2.37 8.84
C SER A 114 19.78 1.86 9.74
N SER A 115 19.65 0.69 10.34
CA SER A 115 20.66 0.21 11.27
C SER A 115 20.57 -1.30 11.33
N PRO A 116 21.60 -1.97 11.86
CA PRO A 116 21.49 -3.42 12.07
C PRO A 116 20.35 -3.80 13.01
N ASP A 117 20.02 -2.94 14.00
CA ASP A 117 18.88 -3.23 14.87
C ASP A 117 17.58 -3.18 14.09
N ALA A 118 17.48 -2.27 13.14
CA ALA A 118 16.27 -2.19 12.32
C ALA A 118 16.11 -3.42 11.45
N VAL A 119 17.21 -4.08 11.06
CA VAL A 119 17.09 -5.32 10.30
C VAL A 119 16.28 -6.34 11.09
N THR A 120 16.64 -6.52 12.35
CA THR A 120 15.93 -7.43 13.24
C THR A 120 14.46 -7.08 13.32
N ALA A 121 14.16 -5.81 13.57
CA ALA A 121 12.77 -5.39 13.72
C ALA A 121 11.99 -5.61 12.43
N TYR A 122 12.57 -5.18 11.30
CA TYR A 122 11.86 -5.26 10.03
C TYR A 122 11.56 -6.70 9.65
N ASN A 123 12.53 -7.61 9.84
CA ASN A 123 12.29 -9.00 9.51
C ASN A 123 11.19 -9.60 10.38
N GLY A 124 11.14 -9.21 11.65
CA GLY A 124 10.06 -9.70 12.50
C GLY A 124 8.70 -9.20 12.05
N TYR A 125 8.63 -7.94 11.62
CA TYR A 125 7.36 -7.40 11.14
C TYR A 125 6.95 -8.05 9.82
N LEU A 126 7.90 -8.23 8.91
CA LEU A 126 7.58 -8.77 7.59
C LEU A 126 6.95 -10.14 7.70
N THR A 127 7.44 -10.95 8.63
CA THR A 127 6.99 -12.32 8.81
C THR A 127 5.95 -12.40 9.91
N PHE B 1 -4.55 5.74 -11.74
CA PHE B 1 -5.05 5.78 -10.38
C PHE B 1 -3.92 5.66 -9.36
N GLN B 2 -3.07 6.69 -9.28
CA GLN B 2 -1.96 6.64 -8.34
C GLN B 2 -2.42 6.68 -6.89
N HIS B 3 -3.68 7.05 -6.63
CA HIS B 3 -4.18 7.13 -5.26
C HIS B 3 -4.79 5.83 -4.77
N MET B 4 -4.89 4.81 -5.63
CA MET B 4 -5.39 3.51 -5.19
C MET B 4 -4.38 2.43 -5.55
N GLY B 5 -4.19 1.50 -4.63
CA GLY B 5 -3.32 0.37 -4.89
C GLY B 5 -3.94 -0.87 -4.26
N THR B 6 -3.49 -2.04 -4.73
CA THR B 6 -4.19 -3.28 -4.44
C THR B 6 -3.23 -4.25 -3.75
N VAL B 7 -3.69 -4.83 -2.65
CA VAL B 7 -2.93 -5.83 -1.88
C VAL B 7 -3.84 -7.03 -1.65
N SER B 8 -3.26 -8.10 -1.10
CA SER B 8 -4.08 -9.20 -0.57
C SER B 8 -3.85 -9.28 0.95
N TRP B 9 -4.71 -8.62 1.71
CA TRP B 9 -4.64 -8.59 3.17
C TRP B 9 -5.82 -9.34 3.75
N ASN B 10 -5.56 -10.28 4.66
CA ASN B 10 -6.67 -10.86 5.39
C ASN B 10 -7.24 -9.84 6.38
N LEU B 11 -8.36 -10.21 7.02
CA LEU B 11 -9.03 -9.26 7.90
C LEU B 11 -8.14 -8.84 9.07
N ARG B 12 -7.34 -9.78 9.60
CA ARG B 12 -6.46 -9.42 10.70
C ARG B 12 -5.45 -8.35 10.27
N GLU B 13 -4.89 -8.49 9.07
CA GLU B 13 -3.97 -7.47 8.58
C GLU B 13 -4.67 -6.14 8.33
N MET B 14 -5.88 -6.18 7.77
CA MET B 14 -6.59 -4.94 7.51
C MET B 14 -6.88 -4.21 8.82
N LEU B 15 -7.35 -4.96 9.82
CA LEU B 15 -7.67 -4.35 11.11
C LEU B 15 -6.41 -3.82 11.78
N ALA B 16 -5.30 -4.58 11.71
CA ALA B 16 -4.06 -4.11 12.33
C ALA B 16 -3.58 -2.82 11.69
N HIS B 17 -3.62 -2.75 10.35
CA HIS B 17 -3.26 -1.52 9.68
C HIS B 17 -4.20 -0.39 10.04
N ALA B 18 -5.51 -0.67 10.06
CA ALA B 18 -6.49 0.36 10.35
C ALA B 18 -6.34 0.89 11.77
N GLU B 19 -6.09 -0.01 12.75
CA GLU B 19 -5.90 0.43 14.13
C GLU B 19 -4.75 1.41 14.25
N GLU B 20 -3.64 1.13 13.58
CA GLU B 20 -2.45 1.96 13.73
C GLU B 20 -2.60 3.30 13.01
N THR B 21 -3.15 3.28 11.79
CA THR B 21 -3.17 4.45 10.94
C THR B 21 -4.40 5.32 11.11
N ARG B 22 -5.49 4.75 11.62
CA ARG B 22 -6.81 5.39 11.70
C ARG B 22 -7.39 5.68 10.32
N LYS B 23 -6.91 4.98 9.29
CA LYS B 23 -7.59 5.01 8.00
C LYS B 23 -8.99 4.45 8.15
N LEU B 24 -9.92 5.00 7.36
CA LEU B 24 -11.32 4.62 7.44
C LEU B 24 -11.52 3.26 6.75
N MET B 25 -12.18 2.34 7.45
CA MET B 25 -12.36 1.00 6.88
C MET B 25 -13.83 0.66 6.74
N PRO B 26 -14.34 0.68 5.51
CA PRO B 26 -15.75 0.31 5.28
C PRO B 26 -15.98 -1.14 5.61
N VAL B 27 -17.14 -1.41 6.22
CA VAL B 27 -17.50 -2.77 6.62
C VAL B 27 -18.99 -2.94 6.33
N CYS B 28 -19.33 -3.98 5.58
CA CYS B 28 -20.72 -4.31 5.31
C CYS B 28 -21.30 -5.05 6.51
N VAL B 29 -22.34 -4.48 7.12
CA VAL B 29 -22.86 -5.05 8.37
C VAL B 29 -23.54 -6.39 8.16
N GLU B 30 -23.81 -6.76 6.90
CA GLU B 30 -24.39 -8.07 6.60
C GLU B 30 -23.35 -9.18 6.51
N THR B 31 -22.06 -8.86 6.60
CA THR B 31 -21.02 -9.88 6.44
C THR B 31 -20.67 -10.41 7.83
N LYS B 32 -21.26 -11.55 8.21
CA LYS B 32 -21.23 -11.99 9.60
C LYS B 32 -19.81 -12.27 10.09
N ALA B 33 -18.97 -12.92 9.27
CA ALA B 33 -17.61 -13.24 9.70
C ALA B 33 -16.85 -11.99 10.13
N ILE B 34 -17.02 -10.90 9.39
CA ILE B 34 -16.28 -9.67 9.66
C ILE B 34 -16.86 -8.97 10.89
N VAL B 35 -18.18 -8.81 10.92
CA VAL B 35 -18.84 -8.20 12.07
C VAL B 35 -18.52 -8.96 13.35
N SER B 36 -18.54 -10.30 13.28
CA SER B 36 -18.25 -11.11 14.46
C SER B 36 -16.85 -10.85 14.97
N THR B 37 -15.88 -10.84 14.06
CA THR B 37 -14.49 -10.56 14.43
C THR B 37 -14.36 -9.20 15.09
N ILE B 38 -15.01 -8.19 14.52
CA ILE B 38 -14.93 -6.85 15.09
C ILE B 38 -15.55 -6.82 16.48
N GLN B 39 -16.70 -7.48 16.65
CA GLN B 39 -17.35 -7.47 17.96
C GLN B 39 -16.51 -8.17 19.02
N ARG B 40 -15.79 -9.22 18.65
CA ARG B 40 -14.96 -9.92 19.64
C ARG B 40 -13.66 -9.17 19.90
N LYS B 41 -13.10 -8.52 18.88
CA LYS B 41 -11.82 -7.83 19.03
C LYS B 41 -11.97 -6.52 19.80
N TYR B 42 -13.07 -5.81 19.60
CA TYR B 42 -13.30 -4.50 20.22
C TYR B 42 -14.56 -4.63 21.05
N LYS B 43 -14.45 -5.26 22.23
CA LYS B 43 -15.60 -5.53 23.06
C LYS B 43 -16.32 -4.24 23.43
N GLY B 44 -17.64 -4.25 23.31
CA GLY B 44 -18.44 -3.09 23.61
C GLY B 44 -18.74 -2.20 22.42
N ILE B 45 -18.23 -2.51 21.22
CA ILE B 45 -18.50 -1.67 20.07
C ILE B 45 -19.99 -1.69 19.78
N LYS B 46 -20.55 -0.52 19.51
CA LYS B 46 -21.93 -0.39 19.08
C LYS B 46 -21.92 -0.16 17.58
N ILE B 47 -22.15 -1.22 16.82
CA ILE B 47 -22.15 -1.13 15.37
C ILE B 47 -23.45 -0.48 14.90
N GLN B 48 -23.29 0.58 14.11
CA GLN B 48 -24.41 1.33 13.55
C GLN B 48 -23.94 1.94 12.24
N GLU B 49 -24.92 2.27 11.39
CA GLU B 49 -24.59 2.80 10.08
C GLU B 49 -23.77 4.09 10.22
N GLY B 50 -22.77 4.24 9.36
CA GLY B 50 -21.96 5.43 9.33
C GLY B 50 -20.61 5.23 9.99
N VAL B 51 -19.98 6.35 10.33
CA VAL B 51 -18.67 6.30 10.97
C VAL B 51 -18.84 5.85 12.42
N VAL B 52 -18.07 4.83 12.80
CA VAL B 52 -17.95 4.39 14.19
C VAL B 52 -16.47 4.27 14.48
N ASP B 53 -15.97 5.08 15.39
CA ASP B 53 -14.54 5.11 15.71
C ASP B 53 -14.39 4.48 17.09
N TYR B 54 -14.03 3.19 17.10
CA TYR B 54 -14.00 2.41 18.33
C TYR B 54 -13.10 1.21 18.05
N GLY B 55 -11.88 1.26 18.57
CA GLY B 55 -10.91 0.23 18.22
C GLY B 55 -10.22 0.55 16.92
N ALA B 56 -10.97 0.49 15.82
CA ALA B 56 -10.56 1.07 14.55
C ALA B 56 -11.65 2.03 14.08
N ARG B 57 -11.36 2.75 13.02
CA ARG B 57 -12.28 3.75 12.46
C ARG B 57 -13.01 3.12 11.29
N PHE B 58 -14.26 2.72 11.53
CA PHE B 58 -15.07 1.99 10.56
C PHE B 58 -16.10 2.90 9.89
N TYR B 59 -16.43 2.56 8.65
CA TYR B 59 -17.65 3.07 8.02
C TYR B 59 -18.55 1.86 7.78
N PHE B 60 -19.59 1.75 8.61
CA PHE B 60 -20.53 0.62 8.53
C PHE B 60 -21.64 0.94 7.54
N TYR B 61 -21.91 0.01 6.64
CA TYR B 61 -22.93 0.24 5.63
C TYR B 61 -23.71 -1.05 5.42
N THR B 62 -24.92 -0.90 4.91
CA THR B 62 -25.76 -2.01 4.50
C THR B 62 -25.69 -2.14 2.97
N SER B 63 -25.86 -3.37 2.48
CA SER B 63 -25.89 -3.57 1.04
C SER B 63 -27.16 -3.00 0.41
N LYS B 64 -28.12 -2.52 1.22
CA LYS B 64 -29.22 -1.74 0.66
C LYS B 64 -28.76 -0.36 0.21
N THR B 65 -27.58 0.09 0.63
CA THR B 65 -26.97 1.27 0.04
C THR B 65 -26.25 0.83 -1.23
N THR B 66 -26.63 1.40 -2.37
CA THR B 66 -26.04 0.95 -3.62
C THR B 66 -24.60 1.46 -3.72
N VAL B 67 -23.77 0.75 -4.50
CA VAL B 67 -22.32 0.95 -4.41
C VAL B 67 -21.95 2.38 -4.76
N ALA B 68 -22.57 2.95 -5.81
CA ALA B 68 -22.15 4.30 -6.21
C ALA B 68 -22.55 5.33 -5.18
N SER B 69 -23.65 5.08 -4.44
CA SER B 69 -24.03 5.97 -3.35
C SER B 69 -23.02 5.89 -2.21
N LEU B 70 -22.62 4.67 -1.85
CA LEU B 70 -21.57 4.50 -0.84
C LEU B 70 -20.30 5.25 -1.24
N ILE B 71 -19.86 5.09 -2.49
CA ILE B 71 -18.63 5.71 -2.94
C ILE B 71 -18.74 7.22 -2.94
N ASN B 72 -19.89 7.78 -3.34
CA ASN B 72 -20.03 9.22 -3.23
C ASN B 72 -19.95 9.67 -1.79
N THR B 73 -20.58 8.91 -0.89
CA THR B 73 -20.50 9.22 0.54
C THR B 73 -19.05 9.19 1.03
N LEU B 74 -18.31 8.16 0.64
CA LEU B 74 -16.92 8.06 1.05
C LEU B 74 -16.07 9.18 0.45
N ASN B 75 -16.34 9.53 -0.82
CA ASN B 75 -15.65 10.67 -1.42
C ASN B 75 -15.88 11.95 -0.63
N ASP B 76 -17.12 12.19 -0.19
CA ASP B 76 -17.43 13.37 0.60
C ASP B 76 -16.74 13.35 1.97
N LEU B 77 -16.59 12.16 2.57
CA LEU B 77 -15.89 12.09 3.85
C LEU B 77 -14.42 12.48 3.71
N ASN B 78 -13.83 12.24 2.53
CA ASN B 78 -12.48 12.70 2.22
C ASN B 78 -11.42 12.06 3.13
N GLU B 79 -11.65 10.80 3.50
CA GLU B 79 -10.69 10.07 4.31
C GLU B 79 -10.05 8.96 3.49
N THR B 80 -8.79 8.69 3.82
CA THR B 80 -8.09 7.57 3.20
C THR B 80 -8.65 6.26 3.71
N LEU B 81 -8.80 5.28 2.81
CA LEU B 81 -9.48 4.04 3.10
C LEU B 81 -8.52 2.87 3.14
N VAL B 82 -8.90 1.85 3.93
CA VAL B 82 -8.44 0.48 3.74
C VAL B 82 -9.72 -0.32 3.53
N THR B 83 -9.85 -0.94 2.35
CA THR B 83 -11.17 -1.44 1.97
C THR B 83 -11.04 -2.69 1.10
N MET B 84 -12.09 -3.47 1.11
CA MET B 84 -12.25 -4.51 0.09
C MET B 84 -12.96 -3.89 -1.11
N PRO B 85 -12.89 -4.51 -2.30
CA PRO B 85 -13.57 -3.94 -3.46
C PRO B 85 -15.06 -3.83 -3.17
N LEU B 86 -15.60 -2.63 -3.32
CA LEU B 86 -16.96 -2.38 -2.85
C LEU B 86 -17.98 -2.97 -3.81
N GLY B 87 -18.97 -3.66 -3.25
CA GLY B 87 -19.99 -4.33 -4.04
C GLY B 87 -19.69 -5.77 -4.37
N TYR B 88 -18.42 -6.14 -4.37
CA TYR B 88 -18.02 -7.51 -4.63
C TYR B 88 -18.70 -8.47 -3.64
N VAL B 89 -19.50 -9.40 -4.18
CA VAL B 89 -20.27 -10.38 -3.42
C VAL B 89 -21.42 -9.72 -2.67
N THR B 90 -21.13 -8.70 -1.85
CA THR B 90 -22.14 -8.10 -1.00
C THR B 90 -23.33 -7.60 -1.81
N HIS B 91 -23.07 -7.08 -3.01
CA HIS B 91 -24.10 -6.57 -3.90
C HIS B 91 -24.27 -7.46 -5.12
N GLY B 92 -23.84 -8.71 -5.03
CA GLY B 92 -23.91 -9.65 -6.14
C GLY B 92 -22.98 -9.35 -7.29
N LEU B 93 -22.04 -8.43 -7.15
CA LEU B 93 -21.14 -8.13 -8.25
C LEU B 93 -19.98 -9.10 -8.26
N ASN B 94 -19.50 -9.39 -9.46
CA ASN B 94 -18.21 -10.05 -9.60
C ASN B 94 -17.10 -9.03 -9.40
N LEU B 95 -15.85 -9.48 -9.51
CA LEU B 95 -14.73 -8.60 -9.26
C LEU B 95 -14.60 -7.51 -10.32
N GLU B 96 -14.93 -7.82 -11.57
CA GLU B 96 -14.78 -6.84 -12.64
C GLU B 96 -15.74 -5.68 -12.46
N GLU B 97 -16.98 -5.96 -12.06
CA GLU B 97 -17.96 -4.89 -11.93
C GLU B 97 -17.75 -4.09 -10.64
N ALA B 98 -17.24 -4.73 -9.58
CA ALA B 98 -16.82 -3.96 -8.42
C ALA B 98 -15.72 -2.99 -8.80
N ALA B 99 -14.73 -3.46 -9.57
CA ALA B 99 -13.67 -2.56 -10.03
C ALA B 99 -14.23 -1.39 -10.83
N ARG B 100 -15.24 -1.64 -11.68
CA ARG B 100 -15.82 -0.54 -12.45
C ARG B 100 -16.34 0.56 -11.53
N TYR B 101 -17.03 0.19 -10.46
CA TYR B 101 -17.49 1.18 -9.49
C TYR B 101 -16.33 1.87 -8.78
N MET B 102 -15.29 1.10 -8.45
CA MET B 102 -14.16 1.62 -7.69
C MET B 102 -13.45 2.73 -8.45
N ARG B 103 -13.55 2.74 -9.79
CA ARG B 103 -12.97 3.82 -10.58
C ARG B 103 -13.49 5.20 -10.18
N SER B 104 -14.65 5.28 -9.54
CA SER B 104 -15.21 6.56 -9.11
C SER B 104 -14.68 7.03 -7.76
N LEU B 105 -13.90 6.21 -7.05
CA LEU B 105 -13.31 6.63 -5.79
C LEU B 105 -12.27 7.72 -6.02
N LYS B 106 -12.42 8.83 -5.31
CA LYS B 106 -11.50 9.95 -5.39
C LYS B 106 -10.58 10.06 -4.17
N VAL B 107 -10.85 9.31 -3.10
CA VAL B 107 -10.02 9.36 -1.90
C VAL B 107 -8.93 8.28 -2.03
N PRO B 108 -7.78 8.45 -1.39
CA PRO B 108 -6.76 7.40 -1.45
C PRO B 108 -7.28 6.12 -0.81
N ALA B 109 -6.89 4.97 -1.38
CA ALA B 109 -7.38 3.72 -0.82
C ALA B 109 -6.37 2.59 -1.02
N THR B 110 -6.29 1.74 -0.02
CA THR B 110 -5.66 0.43 -0.15
C THR B 110 -6.80 -0.56 -0.30
N VAL B 111 -6.79 -1.32 -1.39
CA VAL B 111 -7.88 -2.23 -1.74
C VAL B 111 -7.36 -3.65 -1.56
N SER B 112 -8.06 -4.44 -0.75
CA SER B 112 -7.60 -5.79 -0.40
C SER B 112 -8.44 -6.83 -1.11
N VAL B 113 -7.78 -7.73 -1.87
CA VAL B 113 -8.47 -8.83 -2.53
C VAL B 113 -7.99 -10.16 -1.98
N SER B 114 -8.57 -11.27 -2.47
CA SER B 114 -8.45 -12.57 -1.81
C SER B 114 -7.07 -13.22 -1.94
N SER B 115 -6.29 -12.88 -2.96
CA SER B 115 -5.07 -13.62 -3.26
C SER B 115 -4.19 -12.75 -4.13
N PRO B 116 -2.89 -13.04 -4.18
CA PRO B 116 -2.02 -12.30 -5.11
C PRO B 116 -2.48 -12.39 -6.56
N ASP B 117 -3.06 -13.51 -6.97
CA ASP B 117 -3.58 -13.63 -8.33
C ASP B 117 -4.75 -12.69 -8.55
N ALA B 118 -5.60 -12.51 -7.53
CA ALA B 118 -6.71 -11.58 -7.66
C ALA B 118 -6.21 -10.13 -7.76
N VAL B 119 -5.02 -9.84 -7.22
CA VAL B 119 -4.48 -8.49 -7.33
C VAL B 119 -4.29 -8.14 -8.80
N THR B 120 -3.64 -9.01 -9.56
CA THR B 120 -3.40 -8.67 -10.96
C THR B 120 -4.71 -8.69 -11.75
N ALA B 121 -5.63 -9.61 -11.43
CA ALA B 121 -6.93 -9.62 -12.08
C ALA B 121 -7.69 -8.32 -11.81
N TYR B 122 -7.77 -7.93 -10.53
CA TYR B 122 -8.50 -6.71 -10.18
C TYR B 122 -7.90 -5.48 -10.84
N ASN B 123 -6.58 -5.34 -10.78
CA ASN B 123 -5.94 -4.17 -11.38
C ASN B 123 -6.20 -4.09 -12.87
N GLY B 124 -6.26 -5.24 -13.54
CA GLY B 124 -6.57 -5.24 -14.97
C GLY B 124 -7.99 -4.78 -15.25
N TYR B 125 -8.94 -5.20 -14.41
CA TYR B 125 -10.31 -4.71 -14.56
C TYR B 125 -10.39 -3.22 -14.26
N LEU B 126 -9.67 -2.77 -13.23
CA LEU B 126 -9.72 -1.36 -12.86
C LEU B 126 -9.19 -0.47 -13.97
N THR B 127 -8.13 -0.90 -14.64
CA THR B 127 -7.46 -0.09 -15.65
C THR B 127 -7.74 -0.57 -17.07
#